data_1LFP
#
_entry.id   1LFP
#
_cell.length_a   43.790
_cell.length_b   65.350
_cell.length_c   73.780
_cell.angle_alpha   90.00
_cell.angle_beta   90.00
_cell.angle_gamma   90.00
#
_symmetry.space_group_name_H-M   'P 21 21 21'
#
loop_
_entity.id
_entity.type
_entity.pdbx_description
1 polymer 'Hypothetical protein AQ_1575'
2 water water
#
_entity_poly.entity_id   1
_entity_poly.type   'polypeptide(L)'
_entity_poly.pdbx_seq_one_letter_code
;(MSE)AGHSHWAQIKHKKAKVDAQRGKLFSKLIREIIVATRLGGPNPEFNPRLRTAIEQAKKAN(MSE)PWENIERAIKK
GAGELEGEQFEEVIYEGYAPGGVAV(MSE)VLATTDNRNRTTSEVRHVFTKHGGNLGASGCVSYLFERKGYIEVPAKEVS
EEELLEKAIEVGAEDVQPGEEVHIIYTVPEELYEVKENLEKLGVPIEKAQITWKPISTVQINDEETAQKVIKLLNALEEL
DDVQQVIANFEIPEEILQKVG
;
_entity_poly.pdbx_strand_id   A
#
# COMPACT_ATOMS: atom_id res chain seq x y z
N SER A 5 6.01 11.75 -9.28
CA SER A 5 5.33 10.42 -9.42
C SER A 5 6.13 9.37 -8.68
N HIS A 6 7.06 9.82 -7.83
CA HIS A 6 7.91 8.90 -7.10
C HIS A 6 7.22 7.74 -6.41
N TRP A 7 7.15 6.65 -7.16
CA TRP A 7 6.52 5.41 -6.75
C TRP A 7 5.01 5.47 -6.69
N ALA A 8 4.45 5.12 -7.84
CA ALA A 8 3.03 5.05 -8.12
C ALA A 8 3.09 4.23 -9.40
N GLN A 9 4.13 3.40 -9.47
CA GLN A 9 4.41 2.56 -10.63
C GLN A 9 3.80 1.18 -10.65
N ILE A 10 2.65 1.07 -11.30
CA ILE A 10 1.95 -0.19 -11.51
C ILE A 10 2.13 -0.41 -12.99
N LYS A 11 3.10 0.32 -13.59
CA LYS A 11 3.42 0.16 -15.03
C LYS A 11 2.40 0.76 -16.00
N HIS A 12 1.14 0.78 -15.60
CA HIS A 12 0.09 1.31 -16.45
C HIS A 12 -1.23 0.63 -16.13
N LYS A 13 -1.95 1.19 -15.17
CA LYS A 13 -3.24 0.56 -14.79
C LYS A 13 -3.03 -0.89 -14.40
N LYS A 14 -2.67 -1.12 -13.14
CA LYS A 14 -2.43 -2.44 -12.55
C LYS A 14 -1.14 -3.06 -13.15
N ALA A 15 -0.67 -4.18 -12.59
CA ALA A 15 0.66 -4.67 -12.93
C ALA A 15 0.35 -5.71 -14.01
N LYS A 16 -0.62 -6.59 -13.75
CA LYS A 16 -1.02 -7.63 -14.70
C LYS A 16 -2.30 -8.39 -14.33
N VAL A 17 -3.41 -8.03 -14.96
CA VAL A 17 -4.70 -8.67 -14.68
C VAL A 17 -4.84 -10.07 -15.27
N ASP A 18 -3.80 -10.89 -15.09
CA ASP A 18 -3.84 -12.25 -15.59
C ASP A 18 -2.78 -13.12 -14.90
N ALA A 19 -1.52 -12.77 -15.06
CA ALA A 19 -0.46 -13.55 -14.44
C ALA A 19 -0.34 -13.22 -12.96
N GLN A 20 -0.59 -11.97 -12.64
CA GLN A 20 -0.48 -11.46 -11.28
C GLN A 20 -1.69 -11.55 -10.35
N ARG A 21 -2.81 -12.10 -10.82
CA ARG A 21 -4.01 -12.14 -9.99
C ARG A 21 -3.97 -12.93 -8.69
N GLY A 22 -3.33 -14.09 -8.70
CA GLY A 22 -3.25 -14.90 -7.49
C GLY A 22 -2.57 -14.10 -6.39
N LYS A 23 -1.48 -13.46 -6.75
CA LYS A 23 -0.74 -12.64 -5.80
C LYS A 23 -1.56 -11.49 -5.27
N LEU A 24 -2.25 -10.80 -6.18
CA LEU A 24 -3.10 -9.68 -5.79
C LEU A 24 -4.24 -10.16 -4.86
N PHE A 25 -4.91 -11.22 -5.26
CA PHE A 25 -6.02 -11.76 -4.45
C PHE A 25 -5.55 -12.23 -3.10
N SER A 26 -4.34 -12.77 -3.06
CA SER A 26 -3.81 -13.24 -1.80
C SER A 26 -3.74 -12.06 -0.83
N LYS A 27 -3.27 -10.91 -1.33
CA LYS A 27 -3.15 -9.71 -0.52
C LYS A 27 -4.54 -9.15 -0.20
N LEU A 28 -5.50 -9.25 -1.13
CA LEU A 28 -6.81 -8.73 -0.80
C LEU A 28 -7.47 -9.59 0.28
N ILE A 29 -7.23 -10.90 0.22
CA ILE A 29 -7.76 -11.84 1.20
C ILE A 29 -7.19 -11.48 2.58
N ARG A 30 -5.88 -11.22 2.65
CA ARG A 30 -5.24 -10.84 3.92
C ARG A 30 -5.87 -9.58 4.52
N GLU A 31 -6.08 -8.56 3.68
CA GLU A 31 -6.70 -7.31 4.13
C GLU A 31 -8.09 -7.55 4.71
N ILE A 32 -8.87 -8.42 4.07
CA ILE A 32 -10.21 -8.70 4.59
C ILE A 32 -10.11 -9.45 5.93
N ILE A 33 -9.18 -10.39 6.02
CA ILE A 33 -8.97 -11.16 7.27
C ILE A 33 -8.59 -10.23 8.43
N VAL A 34 -7.59 -9.38 8.22
CA VAL A 34 -7.15 -8.47 9.28
C VAL A 34 -8.21 -7.44 9.60
N ALA A 35 -8.88 -6.91 8.57
CA ALA A 35 -9.92 -5.91 8.82
C ALA A 35 -11.01 -6.55 9.68
N THR A 36 -11.22 -7.83 9.44
CA THR A 36 -12.24 -8.58 10.18
C THR A 36 -11.80 -8.83 11.63
N ARG A 37 -10.58 -9.28 11.80
CA ARG A 37 -10.06 -9.55 13.12
C ARG A 37 -10.05 -8.28 13.96
N LEU A 38 -9.76 -7.16 13.30
CA LEU A 38 -9.68 -5.86 13.96
C LEU A 38 -10.97 -5.12 14.30
N GLY A 39 -12.02 -5.29 13.50
CA GLY A 39 -13.24 -4.57 13.75
C GLY A 39 -14.52 -5.38 13.59
N GLY A 40 -14.39 -6.70 13.61
CA GLY A 40 -15.54 -7.57 13.48
C GLY A 40 -15.94 -7.90 12.06
N PRO A 41 -16.60 -9.06 11.84
CA PRO A 41 -17.07 -9.58 10.56
C PRO A 41 -18.33 -8.88 10.02
N ASN A 42 -18.92 -8.01 10.82
CA ASN A 42 -20.11 -7.30 10.39
C ASN A 42 -19.68 -5.95 9.82
N PRO A 43 -19.70 -5.81 8.49
CA PRO A 43 -19.29 -4.57 7.85
C PRO A 43 -19.99 -3.32 8.31
N GLU A 44 -21.18 -3.45 8.88
CA GLU A 44 -21.90 -2.26 9.31
C GLU A 44 -21.16 -1.50 10.42
N PHE A 45 -20.39 -2.21 11.21
CA PHE A 45 -19.62 -1.61 12.30
C PHE A 45 -18.14 -1.71 11.95
N ASN A 46 -17.82 -1.76 10.66
CA ASN A 46 -16.42 -1.92 10.24
C ASN A 46 -16.14 -1.27 8.89
N PRO A 47 -15.86 0.04 8.88
CA PRO A 47 -15.57 0.74 7.61
C PRO A 47 -14.40 0.15 6.82
N ARG A 48 -13.37 -0.30 7.53
CA ARG A 48 -12.22 -0.87 6.81
C ARG A 48 -12.64 -2.10 6.03
N LEU A 49 -13.43 -2.98 6.66
CA LEU A 49 -13.92 -4.19 6.02
C LEU A 49 -14.81 -3.86 4.84
N ARG A 50 -15.65 -2.84 5.00
CA ARG A 50 -16.53 -2.42 3.94
C ARG A 50 -15.69 -2.05 2.71
N THR A 51 -14.56 -1.42 2.95
CA THR A 51 -13.72 -1.01 1.86
C THR A 51 -12.92 -2.14 1.24
N ALA A 52 -12.52 -3.07 2.09
CA ALA A 52 -11.75 -4.24 1.61
C ALA A 52 -12.64 -5.10 0.74
N ILE A 53 -13.91 -5.21 1.15
CA ILE A 53 -14.86 -6.00 0.39
C ILE A 53 -15.08 -5.36 -0.98
N GLU A 54 -15.22 -4.04 -1.00
CA GLU A 54 -15.45 -3.30 -2.23
C GLU A 54 -14.30 -3.42 -3.24
N GLN A 55 -13.07 -3.36 -2.74
CA GLN A 55 -11.88 -3.45 -3.56
C GLN A 55 -11.73 -4.83 -4.14
N ALA A 56 -12.15 -5.81 -3.36
CA ALA A 56 -12.08 -7.19 -3.80
C ALA A 56 -13.07 -7.38 -4.91
N LYS A 57 -14.26 -6.79 -4.76
CA LYS A 57 -15.27 -6.95 -5.79
C LYS A 57 -14.81 -6.27 -7.06
N LYS A 58 -14.16 -5.13 -6.90
CA LYS A 58 -13.71 -4.37 -8.05
C LYS A 58 -12.63 -5.05 -8.85
N ALA A 59 -11.87 -5.93 -8.18
CA ALA A 59 -10.78 -6.66 -8.81
C ALA A 59 -11.22 -8.01 -9.37
N ASN A 60 -12.53 -8.26 -9.31
CA ASN A 60 -13.11 -9.46 -9.83
C ASN A 60 -12.76 -10.69 -9.01
N PRO A 62 -13.68 -13.66 -6.77
CA PRO A 62 -14.92 -14.43 -6.56
C PRO A 62 -15.54 -14.06 -5.22
N TRP A 63 -16.84 -13.84 -5.19
CA TRP A 63 -17.45 -13.47 -3.93
C TRP A 63 -17.29 -14.55 -2.89
N GLU A 64 -17.17 -15.80 -3.33
CA GLU A 64 -17.01 -16.90 -2.40
C GLU A 64 -15.68 -16.74 -1.65
N ASN A 65 -14.68 -16.16 -2.29
CA ASN A 65 -13.41 -15.94 -1.60
C ASN A 65 -13.49 -14.81 -0.59
N ILE A 66 -14.32 -13.84 -0.86
CA ILE A 66 -14.48 -12.73 0.03
C ILE A 66 -15.16 -13.28 1.31
N GLU A 67 -16.21 -14.08 1.13
CA GLU A 67 -16.91 -14.64 2.29
C GLU A 67 -15.99 -15.52 3.14
N ARG A 68 -15.23 -16.36 2.48
CA ARG A 68 -14.31 -17.27 3.14
C ARG A 68 -13.31 -16.50 4.00
N ALA A 69 -12.81 -15.38 3.45
CA ALA A 69 -11.84 -14.55 4.14
C ALA A 69 -12.44 -13.95 5.41
N ILE A 70 -13.69 -13.48 5.34
CA ILE A 70 -14.31 -12.93 6.56
C ILE A 70 -14.47 -14.00 7.64
N LYS A 71 -14.85 -15.21 7.26
CA LYS A 71 -14.99 -16.24 8.29
C LYS A 71 -13.65 -16.60 8.89
N LYS A 72 -12.59 -16.50 8.10
CA LYS A 72 -11.29 -16.82 8.66
C LYS A 72 -10.81 -15.76 9.64
N GLY A 73 -11.10 -14.49 9.37
CA GLY A 73 -10.66 -13.45 10.29
C GLY A 73 -11.48 -13.39 11.58
N ALA A 74 -12.73 -13.85 11.52
CA ALA A 74 -13.63 -13.83 12.68
C ALA A 74 -13.62 -15.17 13.40
N GLY A 75 -13.79 -16.23 12.62
CA GLY A 75 -13.78 -17.57 13.19
C GLY A 75 -12.39 -17.80 13.74
N GLU A 76 -11.60 -16.74 13.70
CA GLU A 76 -10.23 -16.69 14.18
C GLU A 76 -10.05 -17.35 15.54
N LEU A 77 -9.03 -16.91 16.26
CA LEU A 77 -8.75 -17.46 17.57
C LEU A 77 -8.44 -18.93 17.41
N GLU A 78 -7.16 -19.23 17.19
CA GLU A 78 -6.67 -20.60 17.00
C GLU A 78 -6.91 -21.09 15.57
N GLY A 79 -5.81 -21.42 14.89
CA GLY A 79 -5.91 -21.90 13.52
C GLY A 79 -5.79 -20.82 12.46
N GLU A 80 -4.86 -19.89 12.63
CA GLU A 80 -4.65 -18.79 11.68
C GLU A 80 -3.58 -17.82 12.18
N GLN A 81 -3.99 -16.84 12.97
CA GLN A 81 -3.07 -15.87 13.54
C GLN A 81 -2.47 -14.85 12.59
N PHE A 82 -3.28 -14.16 11.79
CA PHE A 82 -2.73 -13.14 10.90
C PHE A 82 -2.65 -11.80 11.65
N GLU A 83 -1.47 -11.19 11.68
CA GLU A 83 -1.32 -9.88 12.33
C GLU A 83 -0.50 -8.96 11.43
N GLU A 84 -0.65 -7.66 11.64
CA GLU A 84 0.08 -6.63 10.87
C GLU A 84 1.38 -6.30 11.59
N VAL A 85 2.49 -6.31 10.87
CA VAL A 85 3.78 -6.00 11.46
C VAL A 85 4.42 -4.93 10.59
N ILE A 86 5.12 -3.99 11.20
CA ILE A 86 5.79 -2.95 10.46
C ILE A 86 7.25 -3.17 10.53
N TYR A 87 7.90 -3.30 9.37
CA TYR A 87 9.35 -3.46 9.35
C TYR A 87 9.94 -2.14 8.93
N GLU A 88 11.13 -1.87 9.43
CA GLU A 88 11.81 -0.61 9.14
C GLU A 88 13.28 -0.90 8.86
N GLY A 89 13.83 -0.29 7.80
CA GLY A 89 15.22 -0.51 7.50
C GLY A 89 15.71 0.48 6.46
N TYR A 90 16.93 0.24 6.01
CA TYR A 90 17.56 1.15 5.05
C TYR A 90 18.02 0.42 3.80
N ALA A 91 17.85 1.08 2.68
CA ALA A 91 18.29 0.56 1.39
C ALA A 91 19.57 1.33 1.08
N PRO A 92 20.29 0.91 0.03
CA PRO A 92 21.53 1.63 -0.29
C PRO A 92 21.33 3.10 -0.64
N GLY A 93 22.27 3.94 -0.26
CA GLY A 93 22.13 5.36 -0.54
C GLY A 93 21.43 6.08 0.60
N GLY A 94 21.28 5.38 1.72
CA GLY A 94 20.66 5.98 2.90
C GLY A 94 19.15 6.18 2.81
N VAL A 95 18.52 5.44 1.91
CA VAL A 95 17.08 5.52 1.68
C VAL A 95 16.35 4.77 2.79
N ALA A 96 15.36 5.42 3.37
CA ALA A 96 14.58 4.82 4.48
C ALA A 96 13.42 4.01 3.91
N VAL A 97 13.12 2.87 4.50
CA VAL A 97 12.06 2.01 3.97
C VAL A 97 11.15 1.49 5.08
N VAL A 99 7.94 -1.24 5.74
CA VAL A 99 7.30 -2.35 5.07
C VAL A 99 6.13 -2.72 5.93
N LEU A 100 4.94 -2.75 5.35
CA LEU A 100 3.73 -3.10 6.10
C LEU A 100 3.41 -4.54 5.67
N ALA A 101 3.48 -5.46 6.63
CA ALA A 101 3.24 -6.86 6.32
C ALA A 101 2.07 -7.42 7.14
N THR A 102 1.45 -8.48 6.63
CA THR A 102 0.34 -9.15 7.33
C THR A 102 0.78 -10.59 7.23
N THR A 103 1.17 -11.18 8.35
CA THR A 103 1.73 -12.52 8.36
C THR A 103 1.21 -13.38 9.49
N ASP A 104 1.29 -14.69 9.31
CA ASP A 104 0.83 -15.62 10.33
C ASP A 104 2.03 -16.24 11.04
N ASN A 105 3.22 -15.76 10.71
CA ASN A 105 4.45 -16.24 11.31
C ASN A 105 5.52 -15.15 11.21
N ARG A 106 5.47 -14.21 12.15
CA ARG A 106 6.43 -13.11 12.20
C ARG A 106 7.90 -13.47 12.04
N ASN A 107 8.37 -14.49 12.74
CA ASN A 107 9.78 -14.89 12.66
C ASN A 107 10.15 -15.24 11.21
N ARG A 108 9.24 -15.93 10.55
CA ARG A 108 9.43 -16.37 9.18
C ARG A 108 9.55 -15.14 8.26
N THR A 109 8.55 -14.28 8.35
CA THR A 109 8.53 -13.06 7.56
C THR A 109 9.74 -12.18 7.83
N THR A 110 10.12 -12.04 9.09
CA THR A 110 11.28 -11.21 9.40
C THR A 110 12.52 -11.70 8.70
N SER A 111 12.71 -13.01 8.69
CA SER A 111 13.86 -13.55 8.02
C SER A 111 13.77 -13.34 6.50
N GLU A 112 12.60 -13.50 5.92
CA GLU A 112 12.47 -13.30 4.48
C GLU A 112 12.82 -11.84 4.15
N VAL A 113 12.35 -10.94 5.00
CA VAL A 113 12.56 -9.50 4.75
C VAL A 113 14.02 -9.14 4.97
N ARG A 114 14.60 -9.68 6.03
CA ARG A 114 16.00 -9.44 6.31
C ARG A 114 16.82 -9.92 5.13
N HIS A 115 16.51 -11.12 4.60
CA HIS A 115 17.27 -11.64 3.47
C HIS A 115 17.15 -10.71 2.31
N VAL A 116 15.93 -10.25 2.01
CA VAL A 116 15.77 -9.34 0.87
C VAL A 116 16.62 -8.09 1.04
N PHE A 117 16.57 -7.49 2.22
CA PHE A 117 17.35 -6.27 2.45
C PHE A 117 18.86 -6.51 2.21
N THR A 118 19.39 -7.54 2.86
CA THR A 118 20.81 -7.88 2.72
C THR A 118 21.25 -8.16 1.29
N LYS A 119 20.50 -9.00 0.59
CA LYS A 119 20.82 -9.35 -0.79
C LYS A 119 21.01 -8.13 -1.66
N HIS A 120 20.19 -7.11 -1.43
CA HIS A 120 20.28 -5.90 -2.22
C HIS A 120 21.11 -4.77 -1.63
N GLY A 121 21.95 -5.09 -0.65
CA GLY A 121 22.84 -4.08 -0.07
C GLY A 121 22.19 -3.18 0.96
N GLY A 122 21.02 -3.58 1.43
CA GLY A 122 20.32 -2.80 2.43
C GLY A 122 20.52 -3.46 3.77
N ASN A 123 19.71 -3.05 4.75
CA ASN A 123 19.80 -3.57 6.09
C ASN A 123 18.53 -3.38 6.88
N LEU A 124 17.92 -4.48 7.27
CA LEU A 124 16.71 -4.41 8.08
C LEU A 124 17.15 -3.93 9.45
N GLY A 125 16.43 -2.95 10.00
CA GLY A 125 16.77 -2.41 11.31
C GLY A 125 15.70 -2.78 12.33
N ALA A 126 15.76 -2.12 13.47
CA ALA A 126 14.83 -2.38 14.55
C ALA A 126 13.65 -1.42 14.49
N SER A 127 12.60 -1.78 15.21
CA SER A 127 11.40 -0.97 15.28
C SER A 127 11.81 0.43 15.67
N GLY A 128 11.35 1.39 14.89
CA GLY A 128 11.67 2.78 15.17
C GLY A 128 12.86 3.42 14.49
N CYS A 129 13.65 2.66 13.72
CA CYS A 129 14.83 3.23 13.07
C CYS A 129 14.54 4.17 11.92
N VAL A 130 13.31 4.13 11.40
CA VAL A 130 13.01 5.09 10.34
C VAL A 130 11.64 5.76 10.49
N SER A 131 10.76 5.31 11.38
CA SER A 131 9.43 5.91 11.37
C SER A 131 9.31 7.41 11.61
N TYR A 132 10.27 7.98 12.33
CA TYR A 132 10.27 9.39 12.57
C TYR A 132 10.47 10.17 11.26
N LEU A 133 10.80 9.48 10.17
CA LEU A 133 10.98 10.15 8.86
C LEU A 133 9.73 10.09 7.97
N PHE A 134 8.65 9.58 8.55
CA PHE A 134 7.37 9.43 7.85
C PHE A 134 6.19 9.81 8.73
N GLU A 135 5.02 10.01 8.11
CA GLU A 135 3.80 10.29 8.86
C GLU A 135 2.71 9.34 8.37
N ARG A 136 1.85 8.88 9.28
CA ARG A 136 0.75 8.00 8.92
C ARG A 136 -0.32 8.85 8.23
N LYS A 137 -0.76 8.43 7.05
CA LYS A 137 -1.76 9.18 6.31
C LYS A 137 -2.76 8.26 5.61
N GLY A 138 -3.91 8.84 5.29
CA GLY A 138 -4.88 8.11 4.48
C GLY A 138 -4.35 8.26 3.06
N TYR A 139 -4.57 7.26 2.22
CA TYR A 139 -4.10 7.27 0.86
C TYR A 139 -5.21 6.80 -0.07
N ILE A 140 -5.50 7.60 -1.08
CA ILE A 140 -6.55 7.29 -2.04
C ILE A 140 -6.01 7.33 -3.45
N GLU A 141 -6.34 6.31 -4.24
CA GLU A 141 -5.88 6.25 -5.62
C GLU A 141 -7.10 6.41 -6.52
N VAL A 142 -6.94 7.20 -7.58
CA VAL A 142 -8.03 7.44 -8.54
C VAL A 142 -7.45 7.30 -9.94
N PRO A 143 -8.11 6.52 -10.78
CA PRO A 143 -7.67 6.28 -12.15
C PRO A 143 -7.56 7.53 -13.05
N ALA A 144 -6.36 7.79 -13.56
CA ALA A 144 -6.16 8.96 -14.40
C ALA A 144 -7.07 8.89 -15.62
N LYS A 145 -7.02 7.75 -16.29
CA LYS A 145 -7.79 7.45 -17.49
C LYS A 145 -9.23 7.91 -17.40
N GLU A 146 -9.82 7.75 -16.23
CA GLU A 146 -11.22 8.09 -16.05
C GLU A 146 -11.55 9.50 -15.57
N VAL A 147 -10.54 10.30 -15.23
CA VAL A 147 -10.82 11.67 -14.80
C VAL A 147 -9.96 12.67 -15.56
N SER A 148 -9.51 13.69 -14.87
CA SER A 148 -8.70 14.73 -15.49
C SER A 148 -7.79 15.31 -14.42
N GLU A 149 -6.67 15.90 -14.85
CA GLU A 149 -5.76 16.50 -13.88
C GLU A 149 -6.51 17.64 -13.24
N GLU A 150 -7.12 18.48 -14.07
CA GLU A 150 -7.84 19.66 -13.60
C GLU A 150 -9.04 19.40 -12.69
N GLU A 151 -9.99 18.63 -13.18
CA GLU A 151 -11.21 18.32 -12.42
C GLU A 151 -10.88 17.68 -11.09
N LEU A 152 -9.97 16.73 -11.12
CA LEU A 152 -9.60 16.02 -9.92
C LEU A 152 -8.85 16.91 -8.92
N LEU A 153 -7.94 17.73 -9.45
CA LEU A 153 -7.17 18.62 -8.59
C LEU A 153 -8.16 19.50 -7.84
N GLU A 154 -9.20 19.98 -8.54
CA GLU A 154 -10.19 20.83 -7.89
C GLU A 154 -11.00 20.04 -6.85
N LYS A 155 -11.47 18.86 -7.22
CA LYS A 155 -12.25 18.09 -6.28
C LYS A 155 -11.48 17.72 -5.02
N ALA A 156 -10.20 17.41 -5.17
CA ALA A 156 -9.40 17.05 -3.99
C ALA A 156 -9.41 18.22 -3.01
N ILE A 157 -9.21 19.42 -3.53
CA ILE A 157 -9.22 20.63 -2.72
C ILE A 157 -10.61 20.86 -2.14
N GLU A 158 -11.62 20.65 -2.98
CA GLU A 158 -12.99 20.84 -2.56
C GLU A 158 -13.35 19.96 -1.37
N VAL A 159 -12.84 18.73 -1.34
CA VAL A 159 -13.18 17.82 -0.24
C VAL A 159 -12.27 18.09 0.96
N GLY A 160 -11.16 18.77 0.71
CA GLY A 160 -10.27 19.12 1.81
C GLY A 160 -9.08 18.22 2.11
N ALA A 161 -8.39 17.76 1.06
CA ALA A 161 -7.24 16.87 1.21
C ALA A 161 -5.96 17.46 1.81
N GLU A 162 -5.09 16.55 2.23
CA GLU A 162 -3.82 16.90 2.86
C GLU A 162 -2.75 17.18 1.78
N ASP A 163 -2.78 16.42 0.68
CA ASP A 163 -1.81 16.56 -0.39
C ASP A 163 -2.27 15.84 -1.65
N VAL A 164 -1.97 16.39 -2.82
CA VAL A 164 -2.36 15.73 -4.06
C VAL A 164 -1.24 15.68 -5.08
N GLN A 165 -1.12 14.56 -5.75
CA GLN A 165 -0.09 14.44 -6.77
C GLN A 165 -0.61 13.71 -8.00
N PRO A 166 -0.71 14.40 -9.14
CA PRO A 166 -1.21 13.78 -10.37
C PRO A 166 -0.32 12.60 -10.76
N GLY A 167 -0.85 11.74 -11.61
CA GLY A 167 -0.11 10.58 -12.08
C GLY A 167 -0.43 10.29 -13.53
N GLU A 168 0.45 9.54 -14.19
CA GLU A 168 0.25 9.19 -15.59
C GLU A 168 -0.80 8.12 -15.71
N GLU A 169 -0.91 7.33 -14.65
CA GLU A 169 -1.85 6.22 -14.60
C GLU A 169 -2.80 6.40 -13.43
N VAL A 170 -2.28 6.94 -12.35
CA VAL A 170 -3.11 7.14 -11.18
C VAL A 170 -2.79 8.45 -10.47
N HIS A 171 -3.83 9.02 -9.89
CA HIS A 171 -3.68 10.25 -9.14
C HIS A 171 -3.71 9.80 -7.71
N ILE A 172 -2.92 10.45 -6.86
CA ILE A 172 -2.86 10.09 -5.47
C ILE A 172 -3.33 11.21 -4.58
N ILE A 173 -4.17 10.87 -3.61
CA ILE A 173 -4.68 11.85 -2.68
C ILE A 173 -4.38 11.40 -1.28
N TYR A 174 -3.76 12.28 -0.49
CA TYR A 174 -3.46 11.92 0.89
C TYR A 174 -4.40 12.63 1.81
N THR A 175 -4.72 11.98 2.92
CA THR A 175 -5.65 12.57 3.87
C THR A 175 -5.15 12.37 5.31
N VAL A 176 -5.84 13.03 6.26
CA VAL A 176 -5.57 12.89 7.69
C VAL A 176 -5.99 11.45 7.86
N PRO A 177 -5.18 10.61 8.54
CA PRO A 177 -5.62 9.21 8.65
C PRO A 177 -7.02 8.96 9.18
N GLU A 178 -7.42 9.67 10.23
CA GLU A 178 -8.75 9.45 10.77
C GLU A 178 -9.87 9.88 9.83
N GLU A 179 -9.54 10.60 8.76
CA GLU A 179 -10.55 11.08 7.81
C GLU A 179 -10.52 10.42 6.44
N LEU A 180 -9.83 9.31 6.39
CA LEU A 180 -9.69 8.58 5.15
C LEU A 180 -11.04 8.18 4.50
N TYR A 181 -11.93 7.58 5.28
CA TYR A 181 -13.18 7.11 4.73
C TYR A 181 -14.17 8.24 4.49
N GLU A 182 -13.99 9.32 5.23
CA GLU A 182 -14.88 10.45 5.07
C GLU A 182 -14.54 11.12 3.77
N VAL A 183 -13.23 11.25 3.50
CA VAL A 183 -12.81 11.86 2.24
C VAL A 183 -13.20 10.98 1.05
N LYS A 184 -13.00 9.67 1.18
CA LYS A 184 -13.32 8.73 0.13
C LYS A 184 -14.80 8.91 -0.24
N GLU A 185 -15.64 8.93 0.80
CA GLU A 185 -17.09 9.06 0.64
C GLU A 185 -17.45 10.36 -0.09
N ASN A 186 -16.86 11.45 0.35
CA ASN A 186 -17.12 12.75 -0.26
C ASN A 186 -16.66 12.83 -1.71
N LEU A 187 -15.58 12.13 -2.02
CA LEU A 187 -15.07 12.11 -3.40
C LEU A 187 -16.00 11.25 -4.27
N GLU A 188 -16.46 10.12 -3.77
CA GLU A 188 -17.33 9.33 -4.64
C GLU A 188 -18.66 10.06 -4.82
N LYS A 189 -19.10 10.79 -3.78
CA LYS A 189 -20.35 11.55 -3.82
C LYS A 189 -20.28 12.68 -4.86
N LEU A 190 -19.07 13.00 -5.32
CA LEU A 190 -18.83 14.00 -6.36
C LEU A 190 -18.48 13.34 -7.69
N GLY A 191 -18.67 12.04 -7.78
CA GLY A 191 -18.41 11.33 -9.03
C GLY A 191 -17.03 10.76 -9.30
N VAL A 192 -16.10 10.94 -8.37
CA VAL A 192 -14.74 10.46 -8.53
C VAL A 192 -14.60 8.96 -8.23
N PRO A 193 -14.11 8.16 -9.19
CA PRO A 193 -13.94 6.73 -8.96
C PRO A 193 -12.74 6.47 -8.04
N ILE A 194 -12.86 5.50 -7.13
CA ILE A 194 -11.78 5.21 -6.21
C ILE A 194 -11.19 3.85 -6.54
N GLU A 195 -9.87 3.81 -6.77
CA GLU A 195 -9.22 2.54 -7.07
C GLU A 195 -8.75 1.90 -5.78
N LYS A 196 -8.22 2.71 -4.87
CA LYS A 196 -7.75 2.21 -3.57
C LYS A 196 -7.89 3.30 -2.53
N ALA A 197 -8.17 2.87 -1.30
CA ALA A 197 -8.30 3.73 -0.12
C ALA A 197 -7.73 2.96 1.06
N GLN A 198 -6.61 3.42 1.60
CA GLN A 198 -6.01 2.69 2.71
C GLN A 198 -5.12 3.61 3.54
N ILE A 199 -4.71 3.14 4.69
CA ILE A 199 -3.82 3.90 5.54
C ILE A 199 -2.40 3.52 5.11
N THR A 200 -1.55 4.53 4.93
CA THR A 200 -0.17 4.28 4.54
C THR A 200 0.73 5.24 5.32
N TRP A 201 2.02 5.26 4.98
CA TRP A 201 2.97 6.16 5.65
C TRP A 201 3.57 7.00 4.54
N LYS A 202 3.74 8.30 4.77
CA LYS A 202 4.26 9.20 3.74
C LYS A 202 5.57 9.84 4.21
N PRO A 203 6.62 9.83 3.39
CA PRO A 203 7.85 10.47 3.86
C PRO A 203 7.67 11.96 4.12
N ILE A 204 8.32 12.47 5.17
CA ILE A 204 8.22 13.89 5.51
C ILE A 204 9.25 14.65 4.71
N SER A 205 10.17 13.91 4.11
CA SER A 205 11.23 14.50 3.28
C SER A 205 11.83 13.35 2.49
N THR A 206 12.57 13.68 1.43
CA THR A 206 13.15 12.67 0.57
C THR A 206 14.67 12.73 0.48
N VAL A 207 15.25 11.61 0.06
CA VAL A 207 16.71 11.48 -0.07
C VAL A 207 17.07 11.38 -1.55
N GLN A 208 17.66 12.45 -2.06
CA GLN A 208 18.07 12.53 -3.46
C GLN A 208 19.16 11.50 -3.75
N ILE A 209 18.91 10.64 -4.73
CA ILE A 209 19.88 9.62 -5.10
C ILE A 209 20.21 9.73 -6.60
N ASN A 210 21.38 10.27 -6.89
CA ASN A 210 21.82 10.47 -8.27
C ASN A 210 22.69 9.37 -8.88
N ASP A 211 23.24 8.49 -8.06
CA ASP A 211 24.06 7.40 -8.58
C ASP A 211 23.15 6.35 -9.19
N GLU A 212 23.19 6.22 -10.51
CA GLU A 212 22.35 5.26 -11.20
C GLU A 212 22.54 3.85 -10.66
N GLU A 213 23.76 3.54 -10.23
CA GLU A 213 24.07 2.24 -9.66
C GLU A 213 23.26 2.02 -8.40
N THR A 214 23.33 2.99 -7.51
CA THR A 214 22.61 2.92 -6.25
C THR A 214 21.10 2.90 -6.47
N ALA A 215 20.62 3.71 -7.41
CA ALA A 215 19.19 3.80 -7.70
C ALA A 215 18.60 2.45 -8.09
N GLN A 216 19.38 1.68 -8.86
CA GLN A 216 18.91 0.38 -9.31
C GLN A 216 18.83 -0.64 -8.18
N LYS A 217 19.74 -0.52 -7.21
CA LYS A 217 19.76 -1.45 -6.08
C LYS A 217 18.55 -1.15 -5.22
N VAL A 218 18.31 0.13 -4.98
CA VAL A 218 17.14 0.54 -4.18
C VAL A 218 15.87 -0.03 -4.78
N ILE A 219 15.67 0.20 -6.08
CA ILE A 219 14.48 -0.28 -6.78
C ILE A 219 14.34 -1.78 -6.76
N LYS A 220 15.44 -2.51 -6.92
CA LYS A 220 15.34 -3.97 -6.89
C LYS A 220 14.94 -4.44 -5.50
N LEU A 221 15.45 -3.76 -4.49
CA LEU A 221 15.13 -4.14 -3.13
C LEU A 221 13.64 -3.98 -2.90
N LEU A 222 13.12 -2.82 -3.25
CA LEU A 222 11.69 -2.53 -3.07
C LEU A 222 10.84 -3.51 -3.85
N ASN A 223 11.23 -3.80 -5.09
CA ASN A 223 10.50 -4.75 -5.93
C ASN A 223 10.52 -6.14 -5.28
N ALA A 224 11.66 -6.49 -4.69
CA ALA A 224 11.81 -7.80 -4.06
C ALA A 224 10.88 -7.87 -2.85
N LEU A 225 10.79 -6.80 -2.08
CA LEU A 225 9.89 -6.82 -0.93
C LEU A 225 8.43 -6.99 -1.37
N GLU A 226 8.09 -6.36 -2.49
CA GLU A 226 6.73 -6.44 -3.02
C GLU A 226 6.38 -7.87 -3.44
N GLU A 227 7.39 -8.65 -3.81
CA GLU A 227 7.15 -10.02 -4.24
C GLU A 227 6.86 -11.01 -3.12
N LEU A 228 6.85 -10.53 -1.88
CA LEU A 228 6.55 -11.38 -0.76
C LEU A 228 5.06 -11.31 -0.51
N ASP A 229 4.46 -12.49 -0.38
CA ASP A 229 3.04 -12.63 -0.13
C ASP A 229 2.70 -11.94 1.17
N ASP A 230 3.64 -11.95 2.11
CA ASP A 230 3.37 -11.32 3.41
C ASP A 230 3.39 -9.80 3.32
N VAL A 231 3.93 -9.23 2.24
CA VAL A 231 3.98 -7.78 2.17
C VAL A 231 2.76 -7.13 1.52
N GLN A 232 2.18 -6.12 2.20
CA GLN A 232 1.02 -5.37 1.68
C GLN A 232 1.47 -4.07 1.07
N GLN A 233 2.37 -3.38 1.75
CA GLN A 233 2.83 -2.10 1.26
C GLN A 233 4.29 -1.85 1.51
N VAL A 234 4.94 -1.19 0.58
CA VAL A 234 6.35 -0.85 0.78
C VAL A 234 6.43 0.66 0.52
N ILE A 235 7.03 1.40 1.43
CA ILE A 235 7.17 2.87 1.32
C ILE A 235 8.62 3.27 1.51
N ALA A 236 9.12 4.14 0.65
CA ALA A 236 10.50 4.59 0.79
C ALA A 236 10.57 6.08 0.58
N ASN A 237 11.64 6.71 1.06
CA ASN A 237 11.76 8.15 0.91
C ASN A 237 12.80 8.61 -0.11
N PHE A 238 13.10 7.75 -1.08
CA PHE A 238 14.10 8.11 -2.09
C PHE A 238 13.62 9.20 -3.05
N GLU A 239 14.60 9.83 -3.69
CA GLU A 239 14.33 10.85 -4.68
C GLU A 239 15.26 10.51 -5.85
N ILE A 240 14.70 9.97 -6.93
CA ILE A 240 15.47 9.55 -8.11
C ILE A 240 15.10 10.35 -9.38
N PRO A 241 16.11 10.80 -10.15
CA PRO A 241 15.90 11.57 -11.38
C PRO A 241 15.05 10.82 -12.40
N GLU A 242 13.81 11.26 -12.59
CA GLU A 242 12.91 10.60 -13.53
C GLU A 242 13.57 9.48 -14.32
N GLU A 243 13.34 8.25 -13.86
CA GLU A 243 13.90 7.05 -14.46
C GLU A 243 12.87 5.93 -14.43
N ILE A 244 12.64 5.29 -15.57
CA ILE A 244 11.67 4.20 -15.64
C ILE A 244 12.42 2.88 -15.72
N LEU A 245 13.72 2.95 -16.02
CA LEU A 245 14.56 1.78 -16.13
C LEU A 245 14.26 0.82 -14.98
N GLN A 246 13.56 -0.27 -15.32
CA GLN A 246 13.16 -1.33 -14.39
C GLN A 246 11.82 -1.10 -13.71
N LYS A 247 11.43 -2.06 -12.85
CA LYS A 247 10.16 -1.99 -12.12
C LYS A 247 10.15 -0.81 -11.15
#